data_9KXI
#
_entry.id   9KXI
#
_cell.length_a   68.750
_cell.length_b   68.750
_cell.length_c   78.375
_cell.angle_alpha   90.00
_cell.angle_beta   90.00
_cell.angle_gamma   120.00
#
_symmetry.space_group_name_H-M   'P 31 2 1'
#
loop_
_entity.id
_entity.type
_entity.pdbx_description
1 polymer 'Peptidyl-prolyl cis-trans isomerase NIMA-interacting 1'
2 non-polymer 2-(2-methylimidazol-1-yl)aniline
3 non-polymer 3,6,9,12,15,18,21-HEPTAOXATRICOSANE-1,23-DIOL
4 non-polymer 'SULFATE ION'
5 water water
#
_entity_poly.entity_id   1
_entity_poly.type   'polypeptide(L)'
_entity_poly.pdbx_seq_one_letter_code
;MADEEKLPPGWEKAMSRSSGRVYYFNHITNASQWERPSGNSSSGGKNGQGEPARVRCSHLLVKHSQSRRPSSWRQEKITR
TKEEALELINGYIQKIKSGEEDFESLASQFSDCSSAKARGDLGAFSRGQMQKPFEDASFALRTGEMSGPVFTDSGIHIIL
RTE
;
_entity_poly.pdbx_strand_id   A
#
loop_
_chem_comp.id
_chem_comp.type
_chem_comp.name
_chem_comp.formula
A1EHY non-polymer 2-(2-methylimidazol-1-yl)aniline 'C10 H11 N3'
PE8 non-polymer 3,6,9,12,15,18,21-HEPTAOXATRICOSANE-1,23-DIOL 'C16 H34 O9'
SO4 non-polymer 'SULFATE ION' 'O4 S -2'
#
# COMPACT_ATOMS: atom_id res chain seq x y z
N LYS A 6 -14.36 -8.10 -19.74
CA LYS A 6 -12.97 -7.65 -19.73
C LYS A 6 -12.10 -8.50 -18.80
N LEU A 7 -11.45 -7.82 -17.85
CA LEU A 7 -10.48 -8.40 -16.93
C LEU A 7 -11.16 -8.64 -15.58
N PRO A 8 -10.48 -9.16 -14.57
CA PRO A 8 -11.14 -9.37 -13.26
C PRO A 8 -11.66 -8.06 -12.70
N PRO A 9 -12.67 -8.11 -11.83
CA PRO A 9 -13.20 -6.88 -11.24
C PRO A 9 -12.13 -6.09 -10.49
N GLY A 10 -12.29 -4.76 -10.50
CA GLY A 10 -11.33 -3.85 -9.93
C GLY A 10 -10.25 -3.38 -10.90
N TRP A 11 -10.03 -4.11 -11.98
CA TRP A 11 -8.96 -3.86 -12.93
C TRP A 11 -9.51 -3.17 -14.17
N GLU A 12 -8.70 -2.30 -14.77
CA GLU A 12 -9.07 -1.66 -16.03
C GLU A 12 -7.82 -1.57 -16.89
N LYS A 13 -8.06 -1.49 -18.19
CA LYS A 13 -6.95 -1.31 -19.11
C LYS A 13 -6.60 0.18 -19.13
N ALA A 14 -5.33 0.46 -19.37
CA ALA A 14 -4.87 1.85 -19.38
C ALA A 14 -3.78 1.96 -20.42
N MET A 15 -3.44 3.20 -20.74
CA MET A 15 -2.40 3.48 -21.72
C MET A 15 -1.30 4.28 -21.05
N SER A 16 -0.06 3.80 -21.18
CA SER A 16 1.07 4.56 -20.67
C SER A 16 1.18 5.89 -21.42
N ARG A 17 1.21 7.00 -20.69
CA ARG A 17 1.42 8.30 -21.32
C ARG A 17 2.82 8.45 -21.89
N SER A 18 3.78 7.70 -21.37
CA SER A 18 5.14 7.92 -21.85
C SER A 18 5.56 6.92 -22.92
N SER A 19 5.05 5.69 -22.89
CA SER A 19 5.42 4.68 -23.88
C SER A 19 4.31 4.32 -24.85
N GLY A 20 3.05 4.58 -24.52
CA GLY A 20 1.96 4.15 -25.36
C GLY A 20 1.57 2.69 -25.19
N ARG A 21 2.24 1.95 -24.31
CA ARG A 21 1.98 0.53 -24.13
C ARG A 21 0.84 0.37 -23.14
N VAL A 22 -0.01 -0.62 -23.38
CA VAL A 22 -1.14 -0.85 -22.50
C VAL A 22 -0.64 -1.41 -21.18
N TYR A 23 -1.27 -1.01 -20.09
CA TYR A 23 -1.01 -1.56 -18.78
C TYR A 23 -2.34 -1.70 -18.09
N TYR A 24 -2.31 -2.24 -16.88
CA TYR A 24 -3.52 -2.55 -16.13
C TYR A 24 -3.43 -1.84 -14.80
N PHE A 25 -4.55 -1.26 -14.40
CA PHE A 25 -4.64 -0.49 -13.17
C PHE A 25 -5.80 -1.02 -12.36
N ASN A 26 -5.59 -1.19 -11.06
CA ASN A 26 -6.62 -1.66 -10.14
C ASN A 26 -7.02 -0.49 -9.25
N HIS A 27 -8.29 -0.07 -9.36
CA HIS A 27 -8.69 1.15 -8.67
C HIS A 27 -9.04 0.88 -7.21
N ILE A 28 -9.00 -0.38 -6.78
CA ILE A 28 -9.18 -0.73 -5.38
C ILE A 28 -7.85 -0.77 -4.64
N THR A 29 -6.83 -1.38 -5.24
CA THR A 29 -5.51 -1.46 -4.63
C THR A 29 -4.56 -0.37 -5.09
N ASN A 30 -4.91 0.35 -6.17
CA ASN A 30 -4.02 1.33 -6.81
C ASN A 30 -2.74 0.67 -7.34
N ALA A 31 -2.77 -0.64 -7.50
CA ALA A 31 -1.68 -1.32 -8.18
C ALA A 31 -1.73 -1.06 -9.68
N SER A 32 -0.57 -1.06 -10.30
CA SER A 32 -0.49 -1.02 -11.75
C SER A 32 0.60 -1.98 -12.21
N GLN A 33 0.38 -2.61 -13.35
CA GLN A 33 1.35 -3.58 -13.85
C GLN A 33 1.22 -3.66 -15.36
N TRP A 34 2.25 -4.21 -16.02
CA TRP A 34 2.22 -4.34 -17.47
C TRP A 34 1.44 -5.57 -17.91
N GLU A 35 1.52 -6.66 -17.15
CA GLU A 35 0.85 -7.90 -17.48
C GLU A 35 -0.64 -7.86 -17.21
N ARG A 36 -1.40 -8.57 -18.06
CA ARG A 36 -2.82 -8.75 -17.82
C ARG A 36 -3.04 -9.51 -16.52
N PRO A 37 -3.84 -8.98 -15.61
CA PRO A 37 -3.90 -9.56 -14.26
C PRO A 37 -4.45 -10.97 -14.25
N SER A 38 -3.91 -11.81 -13.35
CA SER A 38 -4.34 -13.20 -13.22
C SER A 38 -5.76 -13.25 -12.65
N GLY A 39 -6.70 -13.76 -13.44
CA GLY A 39 -8.09 -13.84 -13.04
C GLY A 39 -9.02 -13.43 -14.16
N GLU A 51 -13.74 -14.76 -2.23
CA GLU A 51 -12.72 -14.12 -1.42
C GLU A 51 -12.59 -14.80 -0.05
N PRO A 52 -11.39 -14.76 0.53
CA PRO A 52 -11.15 -15.48 1.78
C PRO A 52 -11.75 -14.78 2.99
N ALA A 53 -12.03 -15.57 4.02
CA ALA A 53 -12.56 -15.02 5.25
C ALA A 53 -11.58 -14.09 5.93
N ARG A 54 -10.27 -14.38 5.79
CA ARG A 54 -9.24 -13.58 6.43
C ARG A 54 -8.08 -13.44 5.46
N VAL A 55 -7.35 -12.34 5.59
CA VAL A 55 -6.08 -12.16 4.91
C VAL A 55 -5.08 -11.69 5.94
N ARG A 56 -3.81 -11.89 5.63
CA ARG A 56 -2.73 -11.36 6.43
C ARG A 56 -1.97 -10.37 5.58
N CYS A 57 -1.65 -9.21 6.16
CA CYS A 57 -0.98 -8.17 5.42
C CYS A 57 0.09 -7.55 6.29
N SER A 58 1.09 -7.02 5.61
CA SER A 58 2.00 -6.05 6.18
C SER A 58 1.71 -4.70 5.55
N HIS A 59 2.21 -3.63 6.16
CA HIS A 59 2.05 -2.33 5.54
C HIS A 59 3.19 -1.41 5.94
N LEU A 60 3.39 -0.41 5.11
CA LEU A 60 4.30 0.70 5.36
C LEU A 60 3.42 1.93 5.32
N LEU A 61 3.29 2.60 6.47
CA LEU A 61 2.48 3.79 6.60
C LEU A 61 3.36 5.03 6.59
N VAL A 62 2.98 6.01 5.79
CA VAL A 62 3.55 7.34 5.88
C VAL A 62 2.45 8.28 6.33
N LYS A 63 2.62 8.86 7.49
CA LYS A 63 1.60 9.75 8.01
C LYS A 63 1.83 11.16 7.48
N HIS A 64 0.84 12.02 7.67
CA HIS A 64 0.98 13.41 7.29
C HIS A 64 0.27 14.26 8.33
N SER A 65 0.41 15.58 8.17
CA SER A 65 -0.10 16.52 9.17
C SER A 65 -1.60 16.37 9.40
N GLN A 66 -2.33 15.79 8.45
CA GLN A 66 -3.76 15.57 8.60
C GLN A 66 -4.11 14.15 9.03
N SER A 67 -3.12 13.32 9.33
CA SER A 67 -3.38 11.99 9.84
C SER A 67 -4.22 12.07 11.10
N ARG A 68 -5.04 11.05 11.35
CA ARG A 68 -5.88 11.06 12.54
C ARG A 68 -5.05 11.33 13.79
N ARG A 69 -3.88 10.71 13.88
CA ARG A 69 -2.91 10.99 14.94
C ARG A 69 -1.57 11.33 14.29
N PRO A 70 -1.26 12.61 14.13
CA PRO A 70 -0.03 12.98 13.43
C PRO A 70 1.20 12.88 14.33
N SER A 71 1.47 11.65 14.76
CA SER A 71 2.63 11.33 15.57
C SER A 71 2.96 9.86 15.32
N SER A 72 4.20 9.49 15.62
CA SER A 72 4.63 8.10 15.44
C SER A 72 5.92 7.89 16.19
N TRP A 73 6.36 6.63 16.24
CA TRP A 73 7.61 6.31 16.90
C TRP A 73 8.77 7.04 16.22
N ARG A 74 8.63 7.37 14.94
CA ARG A 74 9.70 8.09 14.24
C ARG A 74 9.73 9.56 14.59
N GLN A 75 8.60 10.15 14.96
CA GLN A 75 8.54 11.61 15.01
C GLN A 75 7.38 12.01 15.90
N GLU A 76 7.66 12.79 16.95
CA GLU A 76 6.63 13.15 17.90
C GLU A 76 5.53 14.00 17.24
N LYS A 77 5.93 14.91 16.38
CA LYS A 77 5.02 15.76 15.62
C LYS A 77 5.24 15.49 14.12
N ILE A 78 4.31 14.82 13.48
CA ILE A 78 4.42 14.64 12.04
C ILE A 78 3.87 15.88 11.35
N THR A 79 4.72 16.54 10.56
CA THR A 79 4.40 17.83 9.98
C THR A 79 4.33 17.82 8.47
N ARG A 80 4.75 16.73 7.82
CA ARG A 80 4.79 16.69 6.37
C ARG A 80 3.39 16.78 5.80
N THR A 81 3.29 17.40 4.63
CA THR A 81 2.03 17.52 3.92
C THR A 81 1.61 16.16 3.35
N LYS A 82 0.31 16.07 3.02
CA LYS A 82 -0.16 14.84 2.36
C LYS A 82 0.60 14.62 1.06
N GLU A 83 0.91 15.70 0.33
CA GLU A 83 1.65 15.58 -0.92
C GLU A 83 3.05 15.05 -0.67
N GLU A 84 3.71 15.54 0.39
CA GLU A 84 5.03 15.04 0.73
C GLU A 84 4.97 13.55 1.11
N ALA A 85 3.95 13.17 1.87
CA ALA A 85 3.78 11.77 2.24
C ALA A 85 3.58 10.89 1.01
N LEU A 86 2.79 11.36 0.04
CA LEU A 86 2.59 10.57 -1.15
C LEU A 86 3.87 10.46 -1.95
N GLU A 87 4.69 11.51 -1.97
CA GLU A 87 5.96 11.43 -2.68
C GLU A 87 6.87 10.39 -2.03
N LEU A 88 6.91 10.36 -0.70
CA LEU A 88 7.69 9.35 -0.01
C LEU A 88 7.16 7.95 -0.31
N ILE A 89 5.84 7.77 -0.26
CA ILE A 89 5.26 6.48 -0.61
C ILE A 89 5.66 6.08 -2.02
N ASN A 90 5.53 7.00 -2.97
CA ASN A 90 5.88 6.69 -4.36
C ASN A 90 7.33 6.23 -4.47
N GLY A 91 8.24 6.90 -3.75
CA GLY A 91 9.63 6.52 -3.81
C GLY A 91 9.88 5.15 -3.22
N TYR A 92 9.23 4.84 -2.10
CA TYR A 92 9.37 3.50 -1.52
C TYR A 92 8.86 2.45 -2.47
N ILE A 93 7.72 2.70 -3.11
CA ILE A 93 7.20 1.75 -4.09
C ILE A 93 8.20 1.53 -5.22
N GLN A 94 8.79 2.61 -5.73
CA GLN A 94 9.80 2.46 -6.78
C GLN A 94 10.94 1.56 -6.33
N LYS A 95 11.49 1.81 -5.14
CA LYS A 95 12.62 1.02 -4.68
C LYS A 95 12.23 -0.42 -4.41
N ILE A 96 11.02 -0.65 -3.88
CA ILE A 96 10.58 -2.03 -3.68
C ILE A 96 10.43 -2.73 -5.02
N LYS A 97 9.83 -2.05 -5.99
CA LYS A 97 9.60 -2.70 -7.28
C LYS A 97 10.89 -2.93 -8.05
N SER A 98 11.90 -2.08 -7.88
CA SER A 98 13.16 -2.29 -8.56
C SER A 98 14.02 -3.35 -7.89
N GLY A 99 13.71 -3.68 -6.63
CA GLY A 99 14.51 -4.61 -5.88
C GLY A 99 15.71 -4.00 -5.21
N GLU A 100 15.96 -2.69 -5.37
CA GLU A 100 16.99 -2.06 -4.55
C GLU A 100 16.71 -2.25 -3.07
N GLU A 101 15.44 -2.24 -2.70
CA GLU A 101 15.10 -2.35 -1.30
C GLU A 101 13.98 -3.36 -1.16
N ASP A 102 13.94 -4.06 -0.03
CA ASP A 102 12.83 -4.95 0.30
C ASP A 102 11.74 -4.18 1.02
N PHE A 103 10.49 -4.60 0.79
CA PHE A 103 9.37 -4.03 1.53
C PHE A 103 9.64 -4.06 3.03
N GLU A 104 10.07 -5.21 3.55
CA GLU A 104 10.26 -5.35 4.99
C GLU A 104 11.31 -4.39 5.51
N SER A 105 12.37 -4.15 4.72
CA SER A 105 13.42 -3.24 5.19
C SER A 105 12.88 -1.82 5.28
N LEU A 106 12.20 -1.36 4.24
CA LEU A 106 11.64 -0.01 4.26
C LEU A 106 10.57 0.14 5.32
N ALA A 107 9.72 -0.88 5.51
CA ALA A 107 8.72 -0.80 6.57
C ALA A 107 9.39 -0.62 7.93
N SER A 108 10.42 -1.44 8.21
CA SER A 108 11.11 -1.37 9.49
C SER A 108 11.72 0.00 9.71
N GLN A 109 12.25 0.60 8.65
CA GLN A 109 12.95 1.86 8.82
C GLN A 109 12.03 3.06 8.79
N PHE A 110 10.95 3.01 8.03
CA PHE A 110 10.24 4.24 7.69
C PHE A 110 8.74 4.21 7.92
N SER A 111 8.15 3.08 8.26
CA SER A 111 6.72 3.09 8.52
C SER A 111 6.43 3.87 9.80
N ASP A 112 5.45 4.79 9.72
CA ASP A 112 4.98 5.55 10.87
C ASP A 112 3.99 4.78 11.72
N CYS A 113 4.09 3.46 11.75
CA CYS A 113 3.16 2.60 12.46
C CYS A 113 3.92 1.78 13.48
N SER A 114 3.25 1.43 14.59
CA SER A 114 3.89 0.58 15.59
C SER A 114 4.27 -0.78 15.02
N SER A 115 3.67 -1.18 13.89
CA SER A 115 4.02 -2.44 13.27
C SER A 115 5.36 -2.39 12.54
N ALA A 116 5.99 -1.22 12.45
CA ALA A 116 7.31 -1.14 11.81
C ALA A 116 8.27 -2.13 12.46
N LYS A 117 8.21 -2.24 13.79
CA LYS A 117 9.11 -3.13 14.51
C LYS A 117 8.86 -4.60 14.19
N ALA A 118 7.72 -4.92 13.57
CA ALA A 118 7.44 -6.26 13.09
C ALA A 118 7.56 -6.35 11.57
N ARG A 119 8.44 -5.54 10.99
CA ARG A 119 8.61 -5.48 9.54
C ARG A 119 7.30 -5.14 8.86
N GLY A 120 6.42 -4.43 9.57
CA GLY A 120 5.16 -4.00 9.02
C GLY A 120 4.04 -4.99 9.13
N ASP A 121 4.29 -6.20 9.64
CA ASP A 121 3.26 -7.21 9.75
C ASP A 121 2.13 -6.76 10.66
N LEU A 122 0.89 -6.91 10.19
CA LEU A 122 -0.30 -6.60 10.99
C LEU A 122 -1.03 -7.86 11.44
N GLY A 123 -0.55 -9.02 11.06
CA GLY A 123 -1.25 -10.24 11.34
C GLY A 123 -2.45 -10.39 10.43
N ALA A 124 -3.27 -11.39 10.74
CA ALA A 124 -4.44 -11.70 9.95
C ALA A 124 -5.65 -10.94 10.48
N PHE A 125 -6.62 -10.71 9.60
CA PHE A 125 -7.80 -9.94 9.98
C PHE A 125 -8.93 -10.24 9.03
N SER A 126 -10.14 -9.95 9.50
CA SER A 126 -11.36 -10.13 8.73
C SER A 126 -11.83 -8.79 8.19
N ARG A 127 -12.83 -8.85 7.33
CA ARG A 127 -13.58 -7.65 6.99
C ARG A 127 -14.25 -7.11 8.24
N GLY A 128 -14.29 -5.78 8.38
CA GLY A 128 -14.89 -5.13 9.52
C GLY A 128 -13.91 -4.53 10.50
N GLN A 129 -12.66 -5.00 10.50
CA GLN A 129 -11.68 -4.60 11.50
C GLN A 129 -10.83 -3.41 11.09
N MET A 130 -10.38 -3.36 9.84
CA MET A 130 -9.49 -2.28 9.45
C MET A 130 -10.27 -1.13 8.82
N GLN A 131 -9.57 -0.02 8.61
CA GLN A 131 -10.21 1.07 7.90
C GLN A 131 -10.57 0.60 6.50
N LYS A 132 -11.69 1.09 6.00
CA LYS A 132 -12.29 0.50 4.80
C LYS A 132 -11.39 0.52 3.58
N PRO A 133 -10.72 1.61 3.22
CA PRO A 133 -9.87 1.54 2.02
C PRO A 133 -8.75 0.54 2.17
N PHE A 134 -8.21 0.43 3.38
CA PHE A 134 -7.19 -0.57 3.66
C PHE A 134 -7.76 -1.98 3.53
N GLU A 135 -8.93 -2.22 4.13
CA GLU A 135 -9.57 -3.52 4.04
C GLU A 135 -9.84 -3.90 2.59
N ASP A 136 -10.40 -2.96 1.81
CA ASP A 136 -10.77 -3.29 0.44
C ASP A 136 -9.54 -3.63 -0.38
N ALA A 137 -8.48 -2.85 -0.20
CA ALA A 137 -7.24 -3.15 -0.93
C ALA A 137 -6.66 -4.48 -0.49
N SER A 138 -6.64 -4.74 0.82
CA SER A 138 -6.09 -5.99 1.34
C SER A 138 -6.78 -7.20 0.74
N PHE A 139 -8.12 -7.18 0.74
CA PHE A 139 -8.88 -8.31 0.23
C PHE A 139 -8.88 -8.40 -1.29
N ALA A 140 -8.55 -7.33 -1.99
CA ALA A 140 -8.48 -7.39 -3.44
C ALA A 140 -7.09 -7.77 -3.94
N LEU A 141 -6.06 -7.65 -3.10
CA LEU A 141 -4.72 -8.08 -3.46
C LEU A 141 -4.69 -9.60 -3.57
N ARG A 142 -3.89 -10.10 -4.50
CA ARG A 142 -3.63 -11.52 -4.50
C ARG A 142 -2.51 -11.82 -3.51
N THR A 143 -2.39 -13.08 -3.11
CA THR A 143 -1.35 -13.43 -2.16
C THR A 143 0.01 -13.06 -2.71
N GLY A 144 0.80 -12.33 -1.92
CA GLY A 144 2.11 -11.88 -2.35
C GLY A 144 2.11 -10.59 -3.13
N GLU A 145 0.94 -10.05 -3.44
CA GLU A 145 0.84 -8.81 -4.23
C GLU A 145 0.93 -7.59 -3.32
N MET A 146 1.45 -6.52 -3.90
CA MET A 146 1.63 -5.26 -3.19
C MET A 146 0.70 -4.22 -3.80
N SER A 147 0.17 -3.35 -2.95
CA SER A 147 -0.76 -2.33 -3.37
C SER A 147 0.02 -1.13 -3.94
N GLY A 148 -0.73 -0.21 -4.54
CA GLY A 148 -0.22 1.12 -4.75
C GLY A 148 -0.47 1.92 -3.48
N PRO A 149 -0.32 3.24 -3.54
CA PRO A 149 -0.69 4.06 -2.39
C PRO A 149 -2.16 3.87 -2.04
N VAL A 150 -2.43 3.57 -0.79
CA VAL A 150 -3.81 3.41 -0.30
C VAL A 150 -4.03 4.44 0.79
N PHE A 151 -5.11 5.19 0.69
CA PHE A 151 -5.32 6.35 1.55
C PHE A 151 -6.35 6.01 2.61
N THR A 152 -6.05 6.34 3.87
CA THR A 152 -6.99 6.19 4.99
C THR A 152 -6.86 7.41 5.89
N ASP A 153 -7.69 7.45 6.93
CA ASP A 153 -7.53 8.50 7.92
C ASP A 153 -6.20 8.43 8.65
N SER A 154 -5.48 7.30 8.57
CA SER A 154 -4.19 7.23 9.25
C SER A 154 -3.09 7.88 8.44
N GLY A 155 -3.23 7.90 7.12
CA GLY A 155 -2.20 8.41 6.26
C GLY A 155 -2.23 7.64 4.94
N ILE A 156 -1.05 7.37 4.43
CA ILE A 156 -0.89 6.67 3.16
C ILE A 156 -0.13 5.38 3.38
N HIS A 157 -0.64 4.28 2.83
CA HIS A 157 -0.16 2.92 3.05
C HIS A 157 0.38 2.30 1.76
N ILE A 158 1.44 1.52 1.91
CA ILE A 158 1.77 0.47 0.97
C ILE A 158 1.41 -0.83 1.66
N ILE A 159 0.56 -1.63 1.04
CA ILE A 159 0.07 -2.86 1.66
C ILE A 159 0.65 -4.06 0.91
N LEU A 160 1.15 -5.02 1.66
CA LEU A 160 1.63 -6.28 1.10
C LEU A 160 0.76 -7.41 1.65
N ARG A 161 0.02 -8.09 0.78
CA ARG A 161 -0.73 -9.25 1.25
C ARG A 161 0.20 -10.45 1.34
N THR A 162 0.40 -10.96 2.55
CA THR A 162 1.30 -12.07 2.75
C THR A 162 0.57 -13.42 2.83
N GLU A 163 -0.72 -13.42 3.15
CA GLU A 163 -1.50 -14.65 3.19
C GLU A 163 -2.93 -14.38 2.78
N1 A1EHY B . -5.90 13.76 -2.43
N3 A1EHY B . -2.41 13.50 -4.78
C4 A1EHY B . -3.67 12.32 0.80
C5 A1EHY B . -5.05 12.44 0.90
C6 A1EHY B . -5.78 12.90 -0.18
C7 A1EHY B . -3.22 12.92 -3.91
C8 A1EHY B . -4.11 11.77 -4.19
C10 A1EHY B . -2.14 14.52 -2.80
C1 A1EHY B . -5.16 13.28 -1.38
C2 A1EHY B . -3.77 13.15 -1.47
C3 A1EHY B . -3.03 12.69 -0.37
C9 A1EHY B . -1.74 14.50 -4.09
N2 A1EHY B . -3.07 13.51 -2.68
O1 PE8 C . 1.74 -1.57 -8.19
C2 PE8 C . 1.81 -0.54 -7.21
C3 PE8 C . 1.97 0.82 -7.82
O4 PE8 C . 3.23 0.90 -8.49
C5 PE8 C . 3.48 2.19 -9.03
C6 PE8 C . 4.85 2.21 -9.59
O7 PE8 C . 4.99 1.13 -10.50
C8 PE8 C . 6.20 1.21 -11.26
C9 PE8 C . 6.28 0.05 -12.19
O10 PE8 C . 5.18 0.11 -13.09
C11 PE8 C . 5.12 -1.01 -13.97
C12 PE8 C . 3.89 -0.90 -14.79
O13 PE8 C . 3.81 0.41 -15.32
C14 PE8 C . 2.68 0.61 -16.16
C15 PE8 C . 2.60 2.05 -16.53
O16 PE8 C . 2.30 2.83 -15.38
C17 PE8 C . 2.40 4.23 -15.63
C18 PE8 C . 1.23 4.93 -15.03
O19 PE8 C . 1.15 4.66 -13.63
C20 PE8 C . 2.21 5.24 -12.89
C21 PE8 C . 1.98 5.00 -11.43
O22 PE8 C . 3.04 5.57 -10.65
C23 PE8 C . 3.04 7.00 -10.67
C24 PE8 C . 4.11 7.49 -9.75
O25 PE8 C . 4.15 8.91 -9.68
S SO4 D . -5.08 -15.55 -4.02
O1 SO4 D . -5.76 -16.47 -4.95
O2 SO4 D . -5.98 -14.44 -3.72
O3 SO4 D . -4.76 -16.27 -2.79
O4 SO4 D . -3.83 -15.06 -4.62
S SO4 E . -3.56 6.60 13.46
O1 SO4 E . -4.00 5.50 12.60
O2 SO4 E . -3.35 7.84 12.68
O3 SO4 E . -4.64 6.83 14.42
O4 SO4 E . -2.33 6.16 14.14
#